data_9I71
#
_entry.id   9I71
#
_cell.length_a   82.565
_cell.length_b   112.849
_cell.length_c   62.569
_cell.angle_alpha   90.00
_cell.angle_beta   90.00
_cell.angle_gamma   90.00
#
_symmetry.space_group_name_H-M   'C 2 2 21'
#
loop_
_entity.id
_entity.type
_entity.pdbx_description
1 polymer '14-3-3 protein sigma'
2 polymer 'Estrogen receptor'
3 non-polymer 2-chloranyl-~{N}-[4-[3-[(2-methoxy-6-methyl-phenyl)amino]imidazo[1,2-a]pyridin-2-yl]phenyl]ethanamide
4 non-polymer 'CALCIUM ION'
5 non-polymer 'CHLORIDE ION'
6 water water
#
loop_
_entity_poly.entity_id
_entity_poly.type
_entity_poly.pdbx_seq_one_letter_code
_entity_poly.pdbx_strand_id
1 'polypeptide(L)'
;GAMGSMERASLIQKAKLAEQAERYEDMAAFMKGAVEKGEELSCEERNLLSVAYKNVVGGQRAAWRVLSSIEQKSNEEGSE
EKGPEVREYREKVETELQGVCDTVLGLLDSHLIKEAGDAESRVFYLKMKGDYYRYLAEVATGDDKKRIIDSARSAYQEAM
DISKKEMPPTNPIRLGLALNFSVFHYEIANSPEEAISLAKTTFDEAMADLHTLSEDSYKDSTLIMQLLRDNLTLWT
;
A
2 'polypeptide(L)' FPA(TPO)V B
#
loop_
_chem_comp.id
_chem_comp.type
_chem_comp.name
_chem_comp.formula
A1I0Y non-polymer 2-chloranyl-~{N}-[4-[3-[(2-methoxy-6-methyl-phenyl)amino]imidazo[1,2-a]pyridin-2-yl]phenyl]ethanamide 'C23 H21 Cl N4 O2'
CA non-polymer 'CALCIUM ION' 'Ca 2'
CL non-polymer 'CHLORIDE ION' 'Cl -1'
#
# COMPACT_ATOMS: atom_id res chain seq x y z
N GLY A 1 17.97 -17.54 -1.81
CA GLY A 1 17.86 -16.14 -2.14
C GLY A 1 18.94 -15.70 -3.14
N ALA A 2 18.50 -15.19 -4.30
CA ALA A 2 19.40 -14.75 -5.34
C ALA A 2 20.31 -13.62 -4.85
N MET A 3 19.84 -12.85 -3.85
CA MET A 3 20.63 -11.75 -3.31
C MET A 3 21.45 -12.15 -2.09
N GLY A 4 21.48 -13.45 -1.78
CA GLY A 4 22.13 -13.93 -0.57
C GLY A 4 23.62 -13.65 -0.48
N SER A 5 24.27 -13.54 -1.64
CA SER A 5 25.71 -13.29 -1.66
C SER A 5 26.08 -11.82 -1.69
N MET A 6 25.11 -10.91 -1.78
CA MET A 6 25.40 -9.49 -1.84
C MET A 6 25.29 -8.84 -0.47
N GLU A 7 26.25 -7.98 -0.13
CA GLU A 7 26.20 -7.25 1.13
C GLU A 7 24.90 -6.45 1.29
N ARG A 8 24.43 -6.40 2.53
CA ARG A 8 23.27 -5.57 2.85
C ARG A 8 23.45 -4.14 2.34
N ALA A 9 24.61 -3.52 2.64
CA ALA A 9 24.80 -2.12 2.28
C ALA A 9 24.79 -1.94 0.77
N SER A 10 25.34 -2.92 0.04
CA SER A 10 25.34 -2.89 -1.41
C SER A 10 23.93 -3.01 -2.00
N LEU A 11 23.08 -3.84 -1.36
CA LEU A 11 21.70 -3.97 -1.80
C LEU A 11 20.95 -2.65 -1.62
N ILE A 12 21.17 -1.97 -0.49
CA ILE A 12 20.55 -0.69 -0.24
CA ILE A 12 20.53 -0.69 -0.26
C ILE A 12 21.04 0.35 -1.25
N GLN A 13 22.37 0.38 -1.49
CA GLN A 13 22.92 1.30 -2.46
C GLN A 13 22.31 1.09 -3.85
N LYS A 14 22.22 -0.18 -4.25
CA LYS A 14 21.67 -0.50 -5.56
C LYS A 14 20.16 -0.24 -5.65
N ALA A 15 19.43 -0.41 -4.55
CA ALA A 15 18.03 -0.02 -4.54
C ALA A 15 17.87 1.47 -4.85
N LYS A 16 18.74 2.31 -4.27
CA LYS A 16 18.69 3.73 -4.53
C LYS A 16 19.03 4.06 -5.99
N LEU A 17 20.01 3.37 -6.57
CA LEU A 17 20.34 3.52 -7.97
C LEU A 17 19.18 3.11 -8.87
N ALA A 18 18.55 1.97 -8.52
CA ALA A 18 17.43 1.47 -9.28
C ALA A 18 16.29 2.49 -9.25
N GLU A 19 16.04 3.09 -8.09
CA GLU A 19 15.04 4.13 -8.00
C GLU A 19 15.33 5.29 -8.96
N GLN A 20 16.59 5.76 -8.96
CA GLN A 20 16.99 6.85 -9.85
C GLN A 20 16.77 6.51 -11.33
N ALA A 21 17.00 5.23 -11.66
CA ALA A 21 16.83 4.73 -13.02
C ALA A 21 15.40 4.29 -13.35
N GLU A 22 14.47 4.43 -12.40
CA GLU A 22 13.09 4.02 -12.55
C GLU A 22 12.96 2.53 -12.89
N ARG A 23 13.85 1.73 -12.27
CA ARG A 23 13.90 0.29 -12.43
C ARG A 23 13.30 -0.35 -11.17
N TYR A 24 11.97 -0.28 -11.06
CA TYR A 24 11.33 -0.60 -9.79
C TYR A 24 11.31 -2.10 -9.45
N GLU A 25 11.26 -2.97 -10.48
CA GLU A 25 11.36 -4.40 -10.24
CA GLU A 25 11.36 -4.40 -10.24
C GLU A 25 12.72 -4.71 -9.63
N ASP A 26 13.80 -4.13 -10.19
CA ASP A 26 15.11 -4.32 -9.59
C ASP A 26 15.16 -3.77 -8.17
N MET A 27 14.58 -2.57 -7.98
CA MET A 27 14.57 -1.92 -6.68
C MET A 27 13.94 -2.85 -5.63
N ALA A 28 12.82 -3.45 -6.02
CA ALA A 28 12.08 -4.33 -5.11
C ALA A 28 12.90 -5.59 -4.81
N ALA A 29 13.55 -6.17 -5.83
CA ALA A 29 14.37 -7.35 -5.60
C ALA A 29 15.55 -7.06 -4.67
N PHE A 30 16.17 -5.88 -4.83
CA PHE A 30 17.25 -5.48 -3.94
C PHE A 30 16.75 -5.34 -2.51
N MET A 31 15.58 -4.68 -2.35
CA MET A 31 15.06 -4.48 -1.01
C MET A 31 14.60 -5.78 -0.36
N LYS A 32 14.04 -6.71 -1.14
CA LYS A 32 13.73 -8.03 -0.62
C LYS A 32 14.99 -8.69 -0.08
N GLY A 33 16.06 -8.61 -0.86
CA GLY A 33 17.32 -9.16 -0.40
C GLY A 33 17.81 -8.51 0.90
N ALA A 34 17.65 -7.20 0.98
CA ALA A 34 18.04 -6.50 2.19
C ALA A 34 17.22 -6.93 3.41
N VAL A 35 15.90 -7.07 3.24
CA VAL A 35 15.06 -7.53 4.34
C VAL A 35 15.49 -8.93 4.79
N GLU A 36 15.78 -9.78 3.81
CA GLU A 36 16.14 -11.16 4.13
C GLU A 36 17.48 -11.33 4.84
N LYS A 37 18.26 -10.25 4.94
CA LYS A 37 19.43 -10.29 5.79
C LYS A 37 19.10 -10.46 7.27
N GLY A 38 17.87 -10.11 7.65
CA GLY A 38 17.40 -10.40 9.00
C GLY A 38 17.45 -9.25 9.99
N GLU A 39 18.09 -8.15 9.61
CA GLU A 39 18.18 -7.00 10.48
C GLU A 39 16.97 -6.08 10.26
N GLU A 40 16.60 -5.35 11.31
CA GLU A 40 15.56 -4.33 11.20
C GLU A 40 15.95 -3.28 10.16
N LEU A 41 14.93 -2.58 9.64
CA LEU A 41 15.11 -1.53 8.65
C LEU A 41 14.98 -0.17 9.31
N SER A 42 15.86 0.74 8.90
CA SER A 42 15.73 2.14 9.28
C SER A 42 14.51 2.80 8.60
N CYS A 43 14.18 4.03 9.00
CA CYS A 43 13.14 4.77 8.32
C CYS A 43 13.37 4.86 6.81
N GLU A 44 14.57 5.29 6.41
CA GLU A 44 14.87 5.44 5.00
C GLU A 44 14.74 4.10 4.28
N GLU A 45 15.21 3.02 4.91
CA GLU A 45 15.15 1.70 4.28
C GLU A 45 13.71 1.21 4.14
N ARG A 46 12.87 1.43 5.17
CA ARG A 46 11.45 1.07 5.08
C ARG A 46 10.79 1.80 3.91
N ASN A 47 11.16 3.06 3.73
CA ASN A 47 10.60 3.82 2.63
CA ASN A 47 10.66 3.87 2.62
C ASN A 47 11.04 3.26 1.28
N LEU A 48 12.30 2.84 1.15
CA LEU A 48 12.74 2.24 -0.10
C LEU A 48 11.95 0.97 -0.41
N LEU A 49 11.75 0.14 0.62
CA LEU A 49 10.97 -1.08 0.46
C LEU A 49 9.56 -0.75 -0.05
N SER A 50 8.91 0.22 0.60
CA SER A 50 7.53 0.52 0.27
CA SER A 50 7.53 0.53 0.28
C SER A 50 7.42 1.12 -1.13
N VAL A 51 8.32 2.05 -1.46
CA VAL A 51 8.30 2.67 -2.79
C VAL A 51 8.46 1.65 -3.90
N ALA A 52 9.41 0.72 -3.70
CA ALA A 52 9.70 -0.25 -4.75
C ALA A 52 8.44 -1.06 -5.06
N TYR A 53 7.85 -1.68 -4.03
CA TYR A 53 6.72 -2.55 -4.26
C TYR A 53 5.46 -1.76 -4.64
N LYS A 54 5.32 -0.53 -4.15
CA LYS A 54 4.19 0.29 -4.55
C LYS A 54 4.17 0.49 -6.05
N ASN A 55 5.34 0.76 -6.62
CA ASN A 55 5.45 1.02 -8.04
C ASN A 55 5.24 -0.27 -8.84
N VAL A 56 5.82 -1.39 -8.38
CA VAL A 56 5.63 -2.65 -9.07
C VAL A 56 4.14 -3.02 -9.10
N VAL A 57 3.51 -3.08 -7.92
CA VAL A 57 2.12 -3.52 -7.85
CA VAL A 57 2.13 -3.53 -7.90
C VAL A 57 1.20 -2.49 -8.50
N GLY A 58 1.58 -1.20 -8.42
CA GLY A 58 0.76 -0.17 -9.03
C GLY A 58 0.64 -0.36 -10.54
N GLY A 59 1.75 -0.72 -11.17
CA GLY A 59 1.74 -1.01 -12.60
C GLY A 59 0.88 -2.24 -12.90
N GLN A 60 0.99 -3.27 -12.06
CA GLN A 60 0.18 -4.47 -12.24
C GLN A 60 -1.32 -4.17 -12.10
N ARG A 61 -1.67 -3.38 -11.09
CA ARG A 61 -3.06 -3.00 -10.88
C ARG A 61 -3.61 -2.23 -12.07
N ALA A 62 -2.83 -1.29 -12.60
CA ALA A 62 -3.28 -0.51 -13.75
C ALA A 62 -3.52 -1.45 -14.93
N ALA A 63 -2.61 -2.40 -15.16
CA ALA A 63 -2.77 -3.35 -16.27
C ALA A 63 -3.99 -4.25 -16.07
N TRP A 64 -4.15 -4.72 -14.83
CA TRP A 64 -5.28 -5.57 -14.50
C TRP A 64 -6.59 -4.85 -14.77
N ARG A 65 -6.66 -3.55 -14.45
CA ARG A 65 -7.90 -2.82 -14.65
C ARG A 65 -8.18 -2.66 -16.15
N VAL A 66 -7.15 -2.39 -16.96
CA VAL A 66 -7.34 -2.32 -18.41
C VAL A 66 -7.93 -3.63 -18.93
N LEU A 67 -7.31 -4.74 -18.53
CA LEU A 67 -7.69 -6.04 -19.04
C LEU A 67 -9.08 -6.45 -18.55
N SER A 68 -9.37 -6.16 -17.27
CA SER A 68 -10.68 -6.45 -16.71
CA SER A 68 -10.69 -6.48 -16.73
C SER A 68 -11.80 -5.71 -17.46
N SER A 69 -11.52 -4.45 -17.82
CA SER A 69 -12.50 -3.67 -18.57
C SER A 69 -12.76 -4.28 -19.95
N ILE A 70 -11.70 -4.72 -20.64
CA ILE A 70 -11.85 -5.37 -21.94
C ILE A 70 -12.69 -6.64 -21.77
N GLU A 71 -12.37 -7.41 -20.72
CA GLU A 71 -13.06 -8.66 -20.46
C GLU A 71 -14.55 -8.44 -20.18
N GLN A 72 -14.85 -7.41 -19.38
CA GLN A 72 -16.22 -7.05 -19.07
C GLN A 72 -16.99 -6.72 -20.35
N LYS A 73 -16.37 -5.93 -21.23
CA LYS A 73 -17.01 -5.57 -22.49
C LYS A 73 -17.26 -6.79 -23.38
N SER A 74 -16.35 -7.77 -23.35
CA SER A 74 -16.49 -8.98 -24.15
C SER A 74 -17.67 -9.85 -23.70
N ASN A 75 -18.10 -9.70 -22.44
CA ASN A 75 -19.21 -10.48 -21.92
C ASN A 75 -20.55 -9.75 -21.94
N GLU A 76 -20.59 -8.59 -22.63
CA GLU A 76 -21.84 -7.85 -22.84
C GLU A 76 -22.65 -8.43 -24.01
N GLU A 77 -23.98 -8.22 -23.95
CA GLU A 77 -24.86 -8.64 -25.02
C GLU A 77 -24.47 -7.95 -26.32
N GLY A 78 -24.41 -8.73 -27.41
CA GLY A 78 -24.05 -8.21 -28.71
C GLY A 78 -22.55 -8.22 -28.98
N SER A 79 -21.76 -8.64 -27.98
CA SER A 79 -20.31 -8.75 -28.14
C SER A 79 -19.96 -10.04 -28.86
N GLU A 80 -19.10 -9.95 -29.89
CA GLU A 80 -18.71 -11.10 -30.68
C GLU A 80 -17.71 -11.95 -29.88
N GLU A 81 -17.88 -13.28 -29.94
CA GLU A 81 -17.05 -14.22 -29.21
C GLU A 81 -15.62 -14.19 -29.76
N LYS A 82 -14.63 -13.95 -28.88
CA LYS A 82 -13.24 -13.84 -29.31
C LYS A 82 -12.33 -14.89 -28.70
N GLY A 83 -12.93 -15.85 -27.99
CA GLY A 83 -12.21 -16.96 -27.41
C GLY A 83 -11.70 -16.70 -26.00
N PRO A 84 -10.85 -17.60 -25.46
CA PRO A 84 -10.45 -17.53 -24.06
C PRO A 84 -9.29 -16.56 -23.77
N GLU A 85 -8.74 -15.89 -24.80
CA GLU A 85 -7.50 -15.17 -24.64
C GLU A 85 -7.55 -13.98 -23.69
N VAL A 86 -8.63 -13.20 -23.70
CA VAL A 86 -8.71 -12.06 -22.81
C VAL A 86 -8.70 -12.52 -21.35
N ARG A 87 -9.56 -13.51 -21.02
CA ARG A 87 -9.57 -14.08 -19.69
C ARG A 87 -8.22 -14.66 -19.31
N GLU A 88 -7.60 -15.43 -20.21
CA GLU A 88 -6.31 -16.02 -19.91
C GLU A 88 -5.27 -14.97 -19.55
N TYR A 89 -5.23 -13.89 -20.33
CA TYR A 89 -4.20 -12.89 -20.12
C TYR A 89 -4.50 -12.05 -18.86
N ARG A 90 -5.79 -11.76 -18.62
CA ARG A 90 -6.15 -11.10 -17.37
C ARG A 90 -5.74 -11.98 -16.19
N GLU A 91 -5.99 -13.28 -16.28
CA GLU A 91 -5.59 -14.23 -15.26
C GLU A 91 -4.06 -14.27 -15.06
N LYS A 92 -3.30 -14.17 -16.15
CA LYS A 92 -1.85 -14.14 -16.05
C LYS A 92 -1.38 -12.94 -15.23
N VAL A 93 -1.88 -11.77 -15.58
CA VAL A 93 -1.52 -10.55 -14.89
C VAL A 93 -1.96 -10.63 -13.43
N GLU A 94 -3.19 -11.13 -13.19
CA GLU A 94 -3.71 -11.27 -11.85
C GLU A 94 -2.83 -12.16 -10.99
N THR A 95 -2.40 -13.29 -11.56
CA THR A 95 -1.58 -14.23 -10.81
C THR A 95 -0.23 -13.61 -10.44
N GLU A 96 0.35 -12.83 -11.38
CA GLU A 96 1.60 -12.15 -11.10
C GLU A 96 1.42 -11.11 -9.99
N LEU A 97 0.32 -10.35 -10.05
CA LEU A 97 -0.01 -9.39 -9.01
C LEU A 97 -0.15 -10.06 -7.64
N GLN A 98 -0.90 -11.16 -7.60
CA GLN A 98 -1.08 -11.88 -6.34
C GLN A 98 0.27 -12.36 -5.83
N GLY A 99 1.16 -12.80 -6.73
CA GLY A 99 2.48 -13.25 -6.32
C GLY A 99 3.29 -12.15 -5.64
N VAL A 100 3.22 -10.94 -6.18
CA VAL A 100 3.93 -9.80 -5.61
C VAL A 100 3.35 -9.49 -4.23
N CYS A 101 2.02 -9.46 -4.12
CA CYS A 101 1.39 -9.23 -2.84
C CYS A 101 1.77 -10.28 -1.80
N ASP A 102 1.78 -11.56 -2.20
CA ASP A 102 2.18 -12.61 -1.30
C ASP A 102 3.64 -12.45 -0.86
N THR A 103 4.50 -11.99 -1.78
CA THR A 103 5.90 -11.78 -1.43
C THR A 103 6.03 -10.68 -0.36
N VAL A 104 5.32 -9.57 -0.56
CA VAL A 104 5.40 -8.48 0.39
C VAL A 104 4.86 -8.93 1.75
N LEU A 105 3.66 -9.56 1.74
CA LEU A 105 3.08 -10.04 2.98
C LEU A 105 4.02 -11.02 3.68
N GLY A 106 4.73 -11.85 2.89
CA GLY A 106 5.69 -12.77 3.47
C GLY A 106 6.86 -12.09 4.17
N LEU A 107 7.35 -11.00 3.59
CA LEU A 107 8.41 -10.22 4.24
C LEU A 107 7.92 -9.62 5.54
N LEU A 108 6.68 -9.12 5.53
CA LEU A 108 6.13 -8.50 6.72
C LEU A 108 5.96 -9.54 7.83
N ASP A 109 5.51 -10.74 7.45
CA ASP A 109 5.29 -11.80 8.41
C ASP A 109 6.58 -12.52 8.84
N SER A 110 7.64 -12.43 8.03
CA SER A 110 8.88 -13.14 8.29
C SER A 110 10.07 -12.20 8.02
N HIS A 111 10.36 -11.26 8.93
CA HIS A 111 9.82 -11.14 10.29
C HIS A 111 9.72 -9.66 10.66
N LEU A 112 9.38 -8.79 9.69
CA LEU A 112 9.44 -7.36 9.93
C LEU A 112 8.50 -6.90 11.03
N ILE A 113 7.24 -7.35 11.00
CA ILE A 113 6.28 -6.85 11.97
C ILE A 113 6.65 -7.29 13.39
N LYS A 114 6.99 -8.56 13.57
CA LYS A 114 7.20 -9.05 14.91
C LYS A 114 8.41 -8.41 15.59
N GLU A 115 9.39 -7.92 14.80
CA GLU A 115 10.56 -7.28 15.39
C GLU A 115 10.41 -5.75 15.51
N ALA A 116 9.29 -5.19 15.00
CA ALA A 116 9.04 -3.76 15.06
C ALA A 116 8.31 -3.37 16.35
N GLY A 117 9.04 -2.71 17.24
CA GLY A 117 8.51 -2.33 18.55
C GLY A 117 8.21 -0.84 18.70
N ASP A 118 8.90 -0.03 17.91
CA ASP A 118 8.62 1.38 17.98
C ASP A 118 7.33 1.61 17.21
N ALA A 119 6.54 2.55 17.70
CA ALA A 119 5.26 2.79 17.10
C ALA A 119 5.38 3.13 15.62
N GLU A 120 6.38 3.95 15.26
CA GLU A 120 6.53 4.41 13.90
C GLU A 120 6.78 3.24 12.94
N SER A 121 7.64 2.29 13.34
CA SER A 121 7.94 1.18 12.46
CA SER A 121 7.96 1.15 12.50
C SER A 121 6.76 0.20 12.40
N ARG A 122 6.18 -0.10 13.55
CA ARG A 122 5.09 -1.07 13.60
C ARG A 122 3.90 -0.57 12.78
N VAL A 123 3.54 0.71 12.94
CA VAL A 123 2.43 1.27 12.18
C VAL A 123 2.75 1.23 10.69
N PHE A 124 3.99 1.58 10.30
CA PHE A 124 4.39 1.56 8.90
C PHE A 124 4.16 0.19 8.28
N TYR A 125 4.61 -0.86 8.97
CA TYR A 125 4.47 -2.21 8.45
C TYR A 125 3.01 -2.73 8.45
N LEU A 126 2.26 -2.38 9.49
CA LEU A 126 0.85 -2.79 9.54
C LEU A 126 0.06 -2.08 8.46
N LYS A 127 0.38 -0.81 8.15
CA LYS A 127 -0.22 -0.13 7.00
C LYS A 127 0.07 -0.90 5.72
N MET A 128 1.32 -1.28 5.53
CA MET A 128 1.68 -2.08 4.35
C MET A 128 0.85 -3.37 4.29
N LYS A 129 0.72 -4.06 5.42
CA LYS A 129 -0.05 -5.29 5.43
C LYS A 129 -1.49 -5.03 4.99
N GLY A 130 -2.11 -3.98 5.53
CA GLY A 130 -3.44 -3.61 5.10
C GLY A 130 -3.51 -3.34 3.60
N ASP A 131 -2.54 -2.57 3.10
CA ASP A 131 -2.49 -2.20 1.69
C ASP A 131 -2.41 -3.42 0.78
N TYR A 132 -1.52 -4.38 1.10
CA TYR A 132 -1.34 -5.50 0.20
C TYR A 132 -2.49 -6.49 0.30
N TYR A 133 -3.12 -6.63 1.47
CA TYR A 133 -4.37 -7.37 1.50
C TYR A 133 -5.47 -6.65 0.72
N ARG A 134 -5.49 -5.31 0.75
CA ARG A 134 -6.42 -4.54 -0.05
C ARG A 134 -6.22 -4.82 -1.54
N TYR A 135 -4.97 -4.89 -2.00
CA TYR A 135 -4.73 -5.19 -3.40
C TYR A 135 -5.19 -6.61 -3.76
N LEU A 136 -4.96 -7.57 -2.85
CA LEU A 136 -5.52 -8.89 -3.07
C LEU A 136 -7.05 -8.86 -3.13
N ALA A 137 -7.68 -8.03 -2.29
CA ALA A 137 -9.13 -7.93 -2.27
C ALA A 137 -9.66 -7.33 -3.57
N GLU A 138 -8.91 -6.44 -4.21
CA GLU A 138 -9.37 -5.81 -5.44
C GLU A 138 -9.64 -6.84 -6.53
N VAL A 139 -8.89 -7.95 -6.52
CA VAL A 139 -8.97 -8.94 -7.58
C VAL A 139 -9.66 -10.23 -7.14
N ALA A 140 -10.05 -10.30 -5.86
CA ALA A 140 -10.65 -11.51 -5.29
C ALA A 140 -12.11 -11.65 -5.68
N THR A 141 -12.50 -12.88 -6.04
CA THR A 141 -13.89 -13.20 -6.40
C THR A 141 -14.40 -14.52 -5.83
N GLY A 142 -13.53 -15.27 -5.16
CA GLY A 142 -13.84 -16.60 -4.68
C GLY A 142 -14.24 -16.67 -3.20
N ASP A 143 -14.08 -17.85 -2.60
CA ASP A 143 -14.65 -18.11 -1.29
C ASP A 143 -13.82 -17.55 -0.15
N ASP A 144 -12.61 -17.06 -0.45
CA ASP A 144 -11.77 -16.47 0.58
C ASP A 144 -11.82 -14.94 0.53
N LYS A 145 -12.63 -14.36 -0.35
CA LYS A 145 -12.70 -12.91 -0.49
C LYS A 145 -13.06 -12.16 0.80
N LYS A 146 -14.03 -12.68 1.54
CA LYS A 146 -14.38 -12.09 2.83
C LYS A 146 -13.20 -12.14 3.78
N ARG A 147 -12.47 -13.26 3.80
CA ARG A 147 -11.37 -13.43 4.73
C ARG A 147 -10.24 -12.47 4.32
N ILE A 148 -10.02 -12.25 3.01
CA ILE A 148 -9.00 -11.33 2.56
C ILE A 148 -9.34 -9.90 2.99
N ILE A 149 -10.59 -9.49 2.81
CA ILE A 149 -11.05 -8.18 3.24
C ILE A 149 -10.85 -8.02 4.74
N ASP A 150 -11.20 -9.07 5.50
CA ASP A 150 -11.07 -8.98 6.95
C ASP A 150 -9.61 -8.88 7.38
N SER A 151 -8.71 -9.58 6.66
CA SER A 151 -7.28 -9.44 6.92
C SER A 151 -6.79 -8.01 6.71
N ALA A 152 -7.25 -7.37 5.64
CA ALA A 152 -6.89 -5.97 5.44
C ALA A 152 -7.40 -5.11 6.58
N ARG A 153 -8.71 -5.25 6.88
CA ARG A 153 -9.32 -4.48 7.95
C ARG A 153 -8.57 -4.62 9.27
N SER A 154 -8.25 -5.85 9.65
CA SER A 154 -7.59 -6.14 10.91
C SER A 154 -6.22 -5.47 11.02
N ALA A 155 -5.44 -5.52 9.93
CA ALA A 155 -4.13 -4.90 9.92
C ALA A 155 -4.24 -3.37 10.03
N TYR A 156 -5.14 -2.78 9.22
CA TYR A 156 -5.37 -1.34 9.29
C TYR A 156 -5.83 -0.94 10.69
N GLN A 157 -6.73 -1.72 11.30
CA GLN A 157 -7.28 -1.35 12.59
C GLN A 157 -6.21 -1.37 13.68
N GLU A 158 -5.35 -2.39 13.69
CA GLU A 158 -4.25 -2.44 14.65
C GLU A 158 -3.34 -1.22 14.46
N ALA A 159 -3.02 -0.90 13.20
CA ALA A 159 -2.20 0.28 12.91
C ALA A 159 -2.86 1.56 13.42
N MET A 160 -4.19 1.68 13.21
CA MET A 160 -4.93 2.85 13.65
C MET A 160 -4.87 2.98 15.17
N ASP A 161 -5.06 1.85 15.86
CA ASP A 161 -5.10 1.89 17.32
C ASP A 161 -3.76 2.39 17.89
N ILE A 162 -2.66 1.85 17.36
CA ILE A 162 -1.32 2.29 17.79
C ILE A 162 -1.10 3.75 17.44
N SER A 163 -1.45 4.15 16.21
CA SER A 163 -1.18 5.51 15.76
CA SER A 163 -1.23 5.51 15.74
C SER A 163 -1.91 6.54 16.63
N LYS A 164 -3.15 6.26 17.01
CA LYS A 164 -3.91 7.19 17.82
C LYS A 164 -3.33 7.33 19.23
N LYS A 165 -2.78 6.24 19.77
CA LYS A 165 -2.20 6.26 21.10
C LYS A 165 -0.81 6.91 21.13
N GLU A 166 -0.01 6.69 20.07
CA GLU A 166 1.42 6.92 20.14
C GLU A 166 1.96 8.06 19.26
N MET A 167 1.18 8.56 18.33
CA MET A 167 1.66 9.52 17.35
C MET A 167 0.76 10.75 17.33
N PRO A 168 1.32 11.96 17.06
CA PRO A 168 0.50 13.16 16.96
C PRO A 168 -0.40 13.10 15.73
N PRO A 169 -1.52 13.87 15.73
CA PRO A 169 -2.46 13.78 14.62
C PRO A 169 -1.93 14.28 13.28
N THR A 170 -0.81 15.01 13.30
CA THR A 170 -0.14 15.48 12.08
C THR A 170 0.93 14.53 11.58
N ASN A 171 1.22 13.46 12.32
CA ASN A 171 2.32 12.58 11.93
C ASN A 171 2.06 12.03 10.54
N PRO A 172 3.00 12.10 9.58
CA PRO A 172 2.73 11.65 8.23
C PRO A 172 2.31 10.19 8.09
N ILE A 173 2.91 9.29 8.87
CA ILE A 173 2.55 7.89 8.81
C ILE A 173 1.09 7.75 9.27
N ARG A 174 0.73 8.39 10.38
CA ARG A 174 -0.64 8.35 10.87
C ARG A 174 -1.60 8.86 9.80
N LEU A 175 -1.26 9.98 9.16
CA LEU A 175 -2.12 10.56 8.15
C LEU A 175 -2.28 9.65 6.94
N GLY A 176 -1.17 9.08 6.46
CA GLY A 176 -1.22 8.22 5.29
C GLY A 176 -1.96 6.92 5.56
N LEU A 177 -1.79 6.37 6.76
CA LEU A 177 -2.56 5.21 7.18
C LEU A 177 -4.06 5.52 7.11
N ALA A 178 -4.46 6.66 7.67
CA ALA A 178 -5.87 7.05 7.69
C ALA A 178 -6.40 7.26 6.27
N LEU A 179 -5.62 7.92 5.43
CA LEU A 179 -6.00 8.11 4.04
C LEU A 179 -6.31 6.76 3.39
N ASN A 180 -5.41 5.79 3.55
CA ASN A 180 -5.57 4.50 2.88
C ASN A 180 -6.68 3.67 3.49
N PHE A 181 -6.82 3.70 4.83
CA PHE A 181 -7.89 2.96 5.47
C PHE A 181 -9.24 3.52 5.03
N SER A 182 -9.32 4.84 4.90
CA SER A 182 -10.53 5.47 4.40
C SER A 182 -10.85 4.97 3.00
N VAL A 183 -9.85 4.89 2.10
CA VAL A 183 -10.08 4.31 0.78
C VAL A 183 -10.54 2.86 0.87
N PHE A 184 -9.93 2.06 1.75
CA PHE A 184 -10.40 0.70 2.00
C PHE A 184 -11.90 0.71 2.31
N HIS A 185 -12.34 1.58 3.22
CA HIS A 185 -13.75 1.63 3.55
C HIS A 185 -14.60 1.93 2.32
N TYR A 186 -14.18 2.89 1.51
CA TYR A 186 -14.97 3.34 0.38
C TYR A 186 -15.02 2.32 -0.75
N GLU A 187 -13.86 1.76 -1.10
CA GLU A 187 -13.71 0.99 -2.32
C GLU A 187 -13.84 -0.52 -2.10
N ILE A 188 -13.50 -1.00 -0.90
CA ILE A 188 -13.43 -2.43 -0.62
C ILE A 188 -14.57 -2.88 0.30
N ALA A 189 -14.80 -2.15 1.40
CA ALA A 189 -15.76 -2.55 2.42
C ALA A 189 -17.17 -2.04 2.19
N ASN A 190 -17.39 -1.28 1.10
CA ASN A 190 -18.73 -0.76 0.79
C ASN A 190 -19.26 0.04 1.97
N SER A 191 -18.42 0.89 2.53
CA SER A 191 -18.73 1.70 3.69
C SER A 191 -18.37 3.15 3.42
N PRO A 192 -19.03 3.81 2.45
CA PRO A 192 -18.63 5.17 2.08
C PRO A 192 -18.78 6.16 3.23
N GLU A 193 -19.80 6.01 4.07
CA GLU A 193 -19.95 6.93 5.19
C GLU A 193 -18.80 6.81 6.19
N GLU A 194 -18.33 5.60 6.46
CA GLU A 194 -17.17 5.41 7.32
C GLU A 194 -15.93 6.06 6.68
N ALA A 195 -15.79 5.88 5.36
CA ALA A 195 -14.68 6.45 4.63
C ALA A 195 -14.65 7.98 4.77
N ILE A 196 -15.80 8.61 4.61
CA ILE A 196 -15.93 10.06 4.66
C ILE A 196 -15.68 10.55 6.09
N SER A 197 -16.26 9.88 7.08
CA SER A 197 -16.10 10.26 8.47
C SER A 197 -14.63 10.19 8.85
N LEU A 198 -13.95 9.11 8.47
CA LEU A 198 -12.54 8.95 8.82
C LEU A 198 -11.70 10.03 8.17
N ALA A 199 -11.90 10.29 6.87
CA ALA A 199 -11.13 11.32 6.22
C ALA A 199 -11.35 12.70 6.85
N LYS A 200 -12.59 13.04 7.16
CA LYS A 200 -12.92 14.34 7.73
C LYS A 200 -12.32 14.51 9.13
N THR A 201 -12.51 13.50 9.98
N THR A 201 -12.49 13.52 10.01
CA THR A 201 -12.02 13.57 11.35
CA THR A 201 -11.99 13.65 11.37
C THR A 201 -10.49 13.66 11.35
C THR A 201 -10.47 13.69 11.34
N THR A 202 -9.86 12.88 10.48
CA THR A 202 -8.40 12.89 10.37
C THR A 202 -7.92 14.29 9.95
N PHE A 203 -8.55 14.84 8.91
CA PHE A 203 -8.20 16.17 8.42
C PHE A 203 -8.33 17.21 9.52
N ASP A 204 -9.47 17.22 10.21
CA ASP A 204 -9.77 18.24 11.19
C ASP A 204 -8.85 18.16 12.40
N GLU A 205 -8.51 16.96 12.83
CA GLU A 205 -7.64 16.82 13.98
C GLU A 205 -6.20 17.22 13.62
N ALA A 206 -5.80 16.95 12.38
CA ALA A 206 -4.51 17.40 11.92
C ALA A 206 -4.46 18.92 11.83
N MET A 207 -5.49 19.55 11.27
CA MET A 207 -5.56 21.00 11.15
C MET A 207 -5.29 21.66 12.51
N ALA A 208 -5.92 21.12 13.55
CA ALA A 208 -5.82 21.67 14.89
C ALA A 208 -4.45 21.55 15.54
N ASP A 209 -3.60 20.68 15.00
CA ASP A 209 -2.26 20.44 15.54
C ASP A 209 -1.15 21.09 14.70
N LEU A 210 -1.48 21.67 13.55
CA LEU A 210 -0.46 22.26 12.68
C LEU A 210 0.34 23.35 13.37
N HIS A 211 -0.26 24.03 14.34
CA HIS A 211 0.42 25.14 14.99
C HIS A 211 1.68 24.74 15.74
N THR A 212 1.80 23.44 16.04
CA THR A 212 2.93 22.89 16.79
C THR A 212 4.17 22.61 15.94
N LEU A 213 4.04 22.72 14.61
CA LEU A 213 5.01 22.19 13.67
C LEU A 213 5.96 23.25 13.14
N SER A 214 7.18 22.80 12.83
CA SER A 214 8.13 23.56 12.03
C SER A 214 7.60 23.76 10.62
N GLU A 215 8.24 24.66 9.87
CA GLU A 215 7.89 24.90 8.49
C GLU A 215 7.98 23.62 7.67
N ASP A 216 9.06 22.85 7.86
CA ASP A 216 9.24 21.64 7.08
C ASP A 216 8.19 20.56 7.40
N SER A 217 7.91 20.37 8.69
CA SER A 217 6.89 19.40 9.08
C SER A 217 5.49 19.83 8.60
N TYR A 218 5.23 21.14 8.70
CA TYR A 218 4.00 21.72 8.21
C TYR A 218 3.79 21.38 6.74
N LYS A 219 4.84 21.54 5.93
CA LYS A 219 4.73 21.23 4.51
C LYS A 219 4.33 19.77 4.27
N ASP A 220 5.00 18.84 4.97
CA ASP A 220 4.75 17.41 4.80
C ASP A 220 3.30 17.11 5.21
N SER A 221 2.89 17.58 6.40
CA SER A 221 1.57 17.22 6.89
C SER A 221 0.48 17.83 6.00
N THR A 222 0.65 19.09 5.56
CA THR A 222 -0.37 19.72 4.73
C THR A 222 -0.50 19.07 3.36
N LEU A 223 0.61 18.56 2.81
CA LEU A 223 0.53 17.83 1.56
C LEU A 223 -0.39 16.62 1.68
N ILE A 224 -0.23 15.86 2.76
CA ILE A 224 -1.05 14.66 2.94
C ILE A 224 -2.49 15.06 3.26
N MET A 225 -2.67 16.11 4.06
CA MET A 225 -4.01 16.62 4.34
C MET A 225 -4.75 16.96 3.04
N GLN A 226 -4.03 17.50 2.05
CA GLN A 226 -4.66 17.85 0.79
C GLN A 226 -5.18 16.60 0.08
N LEU A 227 -4.50 15.47 0.23
CA LEU A 227 -4.99 14.23 -0.35
C LEU A 227 -6.28 13.77 0.31
N LEU A 228 -6.37 13.90 1.65
CA LEU A 228 -7.63 13.65 2.33
C LEU A 228 -8.75 14.54 1.77
N ARG A 229 -8.46 15.83 1.59
CA ARG A 229 -9.42 16.77 1.05
C ARG A 229 -9.82 16.39 -0.37
N ASP A 230 -8.85 15.97 -1.17
CA ASP A 230 -9.14 15.58 -2.53
C ASP A 230 -10.11 14.40 -2.57
N ASN A 231 -9.90 13.42 -1.71
CA ASN A 231 -10.81 12.28 -1.66
C ASN A 231 -12.19 12.73 -1.18
N LEU A 232 -12.24 13.60 -0.16
CA LEU A 232 -13.53 14.10 0.32
C LEU A 232 -14.29 14.81 -0.80
N THR A 233 -13.57 15.60 -1.59
CA THR A 233 -14.19 16.30 -2.71
C THR A 233 -14.74 15.34 -3.75
N LEU A 234 -14.00 14.25 -4.00
CA LEU A 234 -14.42 13.22 -4.93
C LEU A 234 -15.69 12.53 -4.45
N TRP A 235 -15.82 12.36 -3.13
CA TRP A 235 -16.88 11.56 -2.54
C TRP A 235 -18.12 12.35 -2.09
N THR A 236 -18.08 13.68 -2.17
CA THR A 236 -19.18 14.51 -1.69
C THR A 236 -19.62 15.53 -2.74
N PHE B 1 -9.64 7.10 -9.76
CA PHE B 1 -9.40 6.44 -8.48
C PHE B 1 -9.03 7.43 -7.38
N PRO B 2 -9.34 7.11 -6.10
CA PRO B 2 -8.95 7.98 -5.00
C PRO B 2 -7.46 7.90 -4.65
N ALA B 3 -6.99 8.91 -3.94
CA ALA B 3 -5.58 8.97 -3.55
C ALA B 3 -5.23 8.03 -2.40
N TPO B 4 -4.11 7.30 -2.57
CA TPO B 4 -3.47 6.53 -1.53
CB TPO B 4 -3.77 5.03 -1.66
CG2 TPO B 4 -5.24 4.74 -1.48
OG1 TPO B 4 -3.34 4.65 -3.00
P TPO B 4 -3.26 3.11 -3.47
O1P TPO B 4 -4.67 2.60 -3.76
O2P TPO B 4 -2.41 3.17 -4.71
O3P TPO B 4 -2.65 2.34 -2.36
C TPO B 4 -1.98 6.82 -1.57
O TPO B 4 -1.48 7.27 -2.60
N VAL B 5 -1.30 6.52 -0.46
CA VAL B 5 0.15 6.73 -0.35
C VAL B 5 0.89 5.49 0.11
C4 A1I0Y C . 3.17 6.09 4.83
C14 A1I0Y C . 7.97 8.46 5.87
C5 A1I0Y C . 2.65 7.37 4.92
C6 A1I0Y C . 2.95 8.34 3.97
C11 A1I0Y C . 6.30 9.97 4.17
C7 A1I0Y C . 2.37 9.72 4.10
C8 A1I0Y C . 3.82 7.98 2.92
C9 A1I0Y C . 4.59 10.20 2.23
C10 A1I0Y C . 5.46 10.70 3.19
C12 A1I0Y C . 6.81 8.74 3.76
C13 A1I0Y C . 7.62 8.00 4.60
N1 A1I0Y C . 4.17 8.92 1.94
N2 A1I0Y C . 8.80 7.58 6.59
C3 A1I0Y C . 3.97 5.74 3.76
N3 A1I0Y C . 5.50 12.06 3.13
C1 A1I0Y C . 5.89 5.29 1.69
O1 A1I0Y C . 5.14 6.49 1.74
C2 A1I0Y C . 4.32 6.70 2.82
C15 A1I0Y C . 9.13 7.58 7.90
O2 A1I0Y C . 8.81 8.44 8.69
C16 A1I0Y C . 10.01 6.41 8.29
C17 A1I0Y C . 7.50 9.72 6.25
C18 A1I0Y C . 6.70 10.46 5.41
C19 A1I0Y C . 4.64 12.43 2.17
C20 A1I0Y C . 4.28 13.70 1.69
C21 A1I0Y C . 3.37 13.79 0.68
C22 A1I0Y C . 2.80 12.62 0.12
C23 A1I0Y C . 3.14 11.41 0.58
N4 A1I0Y C . 4.07 11.31 1.58
CA CA D . 27.70 -8.61 5.58
CA CA E . -7.40 -15.77 -10.63
CA CA F . 24.15 -15.06 2.61
CA CA G . 12.89 -4.20 17.39
CL CL H . 23.98 -5.61 -9.67
#